data_8WDQ
#
_entry.id   8WDQ
#
_cell.length_a   65.620
_cell.length_b   88.690
_cell.length_c   97.710
_cell.angle_alpha   90.000
_cell.angle_beta   90.000
_cell.angle_gamma   90.000
#
_symmetry.space_group_name_H-M   'P 21 21 21'
#
loop_
_entity.id
_entity.type
_entity.pdbx_description
1 polymer 'Nus factor SuhB'
2 non-polymer D-MYO-INOSITOL-1-PHOSPHATE
3 non-polymer 'ACETATE ION'
4 non-polymer 'HYDROGEN PEROXIDE'
5 non-polymer GLYCEROL
6 non-polymer (2R,3S)-1,4-DIMERCAPTOBUTANE-2,3-DIOL
7 non-polymer 'CHLORIDE ION'
8 non-polymer 'CALCIUM ION'
9 water water
#
_entity_poly.entity_id   1
_entity_poly.type   'polypeptide(L)'
_entity_poly.pdbx_seq_one_letter_code
;GSMQPMLNIALRAARSAGELIFRSIERLDVISVNEKDAKDYVTEVDRAAEQTIVAALRKAYPTHAIMGEEGGLIEGSGEG
ADYLWVIDPLDGTTNFIHGVPHFAVSIACKYKGRLEHAVVLDPVRQEEFTASRGRGAALNGRRLRVSGRKSLEGALLGTG
FPFRDNQIDNLDNYLNMFRSLVGQTAGIRRAGAASLDLAYVAAGRYDAFWEFGLSEWDMAAGALLVQEAGGLVSDFTGSH
EFLEKGHIVAGNTKCFKALLTTIQPHLPPSLKR
;
_entity_poly.pdbx_strand_id   A,B
#
# COMPACT_ATOMS: atom_id res chain seq x y z
N GLY A 1 3.31 4.19 30.63
CA GLY A 1 4.71 4.12 31.02
C GLY A 1 5.66 4.60 29.94
N SER A 2 6.86 4.99 30.35
CA SER A 2 7.86 5.49 29.42
C SER A 2 8.79 4.37 28.96
N MET A 3 9.43 4.60 27.82
CA MET A 3 10.27 3.60 27.17
C MET A 3 11.61 3.45 27.90
N GLN A 4 12.16 2.24 27.82
CA GLN A 4 13.52 2.03 28.28
C GLN A 4 14.48 2.94 27.50
N PRO A 5 15.59 3.34 28.11
CA PRO A 5 16.49 4.30 27.44
C PRO A 5 16.92 3.86 26.05
N MET A 6 17.23 2.58 25.87
CA MET A 6 17.70 2.11 24.57
C MET A 6 16.63 2.24 23.50
N LEU A 7 15.39 1.88 23.83
CA LEU A 7 14.30 2.06 22.87
C LEU A 7 14.13 3.54 22.53
N ASN A 8 14.27 4.41 23.53
CA ASN A 8 14.17 5.85 23.29
C ASN A 8 15.26 6.33 22.32
N ILE A 9 16.50 5.88 22.50
CA ILE A 9 17.57 6.26 21.59
C ILE A 9 17.24 5.78 20.18
N ALA A 10 16.80 4.53 20.07
CA ALA A 10 16.44 3.98 18.76
C ALA A 10 15.34 4.81 18.11
N LEU A 11 14.33 5.20 18.88
CA LEU A 11 13.21 5.94 18.34
C LEU A 11 13.63 7.32 17.87
N ARG A 12 14.50 8.00 18.62
CA ARG A 12 14.95 9.32 18.18
C ARG A 12 15.80 9.21 16.92
N ALA A 13 16.65 8.18 16.82
CA ALA A 13 17.39 7.97 15.59
C ALA A 13 16.44 7.73 14.41
N ALA A 14 15.41 6.91 14.63
CA ALA A 14 14.43 6.65 13.58
C ALA A 14 13.72 7.92 13.16
N ARG A 15 13.37 8.77 14.13
CA ARG A 15 12.70 10.03 13.82
C ARG A 15 13.57 10.92 12.95
N SER A 16 14.85 11.05 13.31
CA SER A 16 15.74 11.92 12.55
C SER A 16 15.94 11.41 11.13
N ALA A 17 16.19 10.11 10.98
CA ALA A 17 16.30 9.54 9.64
C ALA A 17 15.01 9.73 8.85
N GLY A 18 13.86 9.52 9.50
CA GLY A 18 12.60 9.66 8.81
C GLY A 18 12.32 11.07 8.36
N GLU A 19 12.73 12.06 9.16
CA GLU A 19 12.59 13.45 8.73
C GLU A 19 13.49 13.75 7.55
N LEU A 20 14.68 13.15 7.50
CA LEU A 20 15.52 13.32 6.31
C LEU A 20 14.85 12.73 5.08
N ILE A 21 14.39 11.48 5.19
CA ILE A 21 13.71 10.82 4.07
C ILE A 21 12.49 11.62 3.63
N PHE A 22 11.73 12.14 4.59
CA PHE A 22 10.53 12.89 4.26
C PHE A 22 10.87 14.20 3.56
N ARG A 23 11.88 14.93 4.06
CA ARG A 23 12.33 16.13 3.37
C ARG A 23 12.65 15.80 1.92
N SER A 24 13.31 14.65 1.71
CA SER A 24 13.69 14.24 0.36
C SER A 24 12.45 14.00 -0.51
N ILE A 25 11.56 13.11 -0.07
CA ILE A 25 10.40 12.76 -0.89
C ILE A 25 9.51 13.98 -1.09
N GLU A 26 9.43 14.85 -0.09
CA GLU A 26 8.51 15.97 -0.09
C GLU A 26 8.95 17.05 -1.07
N ARG A 27 10.23 17.43 -1.03
CA ARG A 27 10.65 18.58 -1.80
C ARG A 27 11.76 18.32 -2.81
N LEU A 28 12.41 17.17 -2.79
CA LEU A 28 13.57 16.93 -3.62
C LEU A 28 13.30 15.85 -4.66
N ASP A 29 14.23 15.77 -5.61
CA ASP A 29 14.38 14.61 -6.48
C ASP A 29 15.52 13.74 -5.94
N VAL A 30 15.48 12.47 -6.30
CA VAL A 30 16.60 11.57 -6.00
C VAL A 30 17.73 11.86 -6.96
N ILE A 31 18.92 12.13 -6.42
CA ILE A 31 20.09 12.46 -7.22
C ILE A 31 21.10 11.33 -7.24
N SER A 32 20.70 10.12 -6.80
CA SER A 32 21.59 8.97 -6.82
C SER A 32 20.72 7.71 -6.79
N VAL A 33 20.73 6.95 -7.87
CA VAL A 33 20.14 5.61 -7.91
C VAL A 33 21.24 4.68 -8.41
N ASN A 34 22.05 4.19 -7.48
CA ASN A 34 22.97 3.11 -7.79
C ASN A 34 22.18 1.80 -7.80
N GLU A 35 22.87 0.69 -8.05
CA GLU A 35 22.22 -0.62 -8.04
C GLU A 35 23.15 -1.62 -7.36
N LYS A 36 22.75 -2.08 -6.17
CA LYS A 36 23.53 -3.11 -5.48
C LYS A 36 23.37 -4.45 -6.19
N ASP A 37 22.14 -4.83 -6.49
CA ASP A 37 21.84 -6.03 -7.27
C ASP A 37 20.76 -5.66 -8.29
N ALA A 38 20.34 -6.66 -9.07
CA ALA A 38 19.25 -6.44 -10.02
C ALA A 38 17.95 -6.20 -9.26
N LYS A 39 17.33 -5.04 -9.49
CA LYS A 39 16.14 -4.54 -8.82
C LYS A 39 16.40 -4.19 -7.37
N ASP A 40 17.65 -4.26 -6.91
CA ASP A 40 18.05 -3.91 -5.55
C ASP A 40 18.72 -2.54 -5.63
N TYR A 41 17.99 -1.50 -5.28
CA TYR A 41 18.44 -0.13 -5.44
C TYR A 41 19.02 0.42 -4.15
N VAL A 42 20.03 1.28 -4.29
CA VAL A 42 20.56 2.07 -3.19
C VAL A 42 20.68 3.53 -3.64
N THR A 43 20.24 4.44 -2.77
CA THR A 43 20.14 5.85 -3.04
C THR A 43 21.01 6.61 -2.04
N GLU A 44 21.42 7.82 -2.44
N GLU A 44 21.43 7.82 -2.39
CA GLU A 44 22.01 8.77 -1.50
CA GLU A 44 22.09 8.63 -1.38
C GLU A 44 21.17 8.90 -0.24
C GLU A 44 21.16 8.90 -0.20
N VAL A 45 19.84 8.73 -0.38
CA VAL A 45 18.94 8.86 0.75
C VAL A 45 19.10 7.68 1.70
N ASP A 46 19.24 6.46 1.17
CA ASP A 46 19.50 5.31 2.02
C ASP A 46 20.77 5.50 2.85
N ARG A 47 21.85 5.95 2.20
CA ARG A 47 23.11 6.10 2.92
C ARG A 47 23.05 7.26 3.91
N ALA A 48 22.42 8.37 3.55
CA ALA A 48 22.30 9.49 4.49
C ALA A 48 21.46 9.11 5.71
N ALA A 49 20.35 8.39 5.48
CA ALA A 49 19.55 7.91 6.58
C ALA A 49 20.34 6.96 7.47
N GLU A 50 21.11 6.06 6.85
CA GLU A 50 21.91 5.12 7.64
C GLU A 50 22.94 5.87 8.48
N GLN A 51 23.58 6.89 7.91
CA GLN A 51 24.57 7.65 8.67
C GLN A 51 23.92 8.39 9.83
N THR A 52 22.71 8.94 9.61
CA THR A 52 21.97 9.60 10.69
C THR A 52 21.71 8.62 11.84
N ILE A 53 21.17 7.44 11.51
CA ILE A 53 20.84 6.46 12.53
C ILE A 53 22.09 6.02 13.27
N VAL A 54 23.14 5.67 12.54
CA VAL A 54 24.35 5.15 13.17
C VAL A 54 25.00 6.22 14.03
N ALA A 55 24.96 7.49 13.59
CA ALA A 55 25.55 8.55 14.40
C ALA A 55 24.82 8.68 15.73
N ALA A 56 23.48 8.64 15.71
CA ALA A 56 22.75 8.73 16.98
C ALA A 56 23.06 7.52 17.88
N LEU A 57 23.03 6.32 17.29
CA LEU A 57 23.21 5.10 18.07
C LEU A 57 24.61 5.06 18.71
N ARG A 58 25.64 5.39 17.93
CA ARG A 58 26.99 5.35 18.45
C ARG A 58 27.26 6.51 19.40
N LYS A 59 26.55 7.63 19.25
CA LYS A 59 26.64 8.68 20.25
C LYS A 59 26.17 8.17 21.60
N ALA A 60 25.10 7.36 21.59
CA ALA A 60 24.65 6.78 22.85
C ALA A 60 25.48 5.55 23.25
N TYR A 61 25.82 4.69 22.30
CA TYR A 61 26.46 3.39 22.61
C TYR A 61 27.60 3.12 21.65
N PRO A 62 28.79 3.66 21.92
CA PRO A 62 29.92 3.49 20.98
C PRO A 62 30.49 2.08 20.93
N THR A 63 30.16 1.20 21.89
CA THR A 63 30.74 -0.14 21.92
C THR A 63 29.80 -1.20 21.37
N HIS A 64 28.62 -0.83 20.88
CA HIS A 64 27.69 -1.82 20.35
C HIS A 64 28.06 -2.22 18.93
N ALA A 65 27.62 -3.42 18.55
CA ALA A 65 27.75 -3.88 17.17
C ALA A 65 26.62 -3.30 16.33
N ILE A 66 26.93 -3.05 15.06
CA ILE A 66 26.00 -2.42 14.13
C ILE A 66 25.96 -3.25 12.85
N MET A 67 24.76 -3.55 12.37
CA MET A 67 24.58 -4.23 11.09
C MET A 67 23.58 -3.36 10.32
N GLY A 68 24.08 -2.51 9.45
CA GLY A 68 23.26 -1.69 8.59
C GLY A 68 23.15 -2.35 7.23
N GLU A 69 22.02 -2.12 6.56
CA GLU A 69 21.85 -2.67 5.21
C GLU A 69 22.95 -2.16 4.28
N GLU A 70 23.22 -0.86 4.31
CA GLU A 70 24.25 -0.31 3.42
C GLU A 70 25.65 -0.58 3.94
N GLY A 71 25.87 -0.46 5.24
CA GLY A 71 27.21 -0.56 5.81
C GLY A 71 27.69 -1.93 6.21
N GLY A 72 26.83 -2.96 6.17
CA GLY A 72 27.27 -4.28 6.58
C GLY A 72 27.34 -4.41 8.10
N LEU A 73 28.10 -5.42 8.53
CA LEU A 73 28.21 -5.79 9.94
C LEU A 73 29.56 -5.34 10.50
N ILE A 74 29.51 -4.63 11.63
CA ILE A 74 30.65 -4.07 12.32
C ILE A 74 30.52 -4.47 13.78
N GLU A 75 31.48 -5.25 14.28
CA GLU A 75 31.35 -5.79 15.63
C GLU A 75 31.59 -4.70 16.67
N GLY A 76 31.08 -4.95 17.88
CA GLY A 76 31.30 -4.10 19.02
C GLY A 76 32.49 -4.55 19.83
N SER A 77 32.54 -4.09 21.08
CA SER A 77 33.68 -4.36 21.93
C SER A 77 33.24 -4.39 23.39
N GLY A 78 33.98 -5.16 24.20
CA GLY A 78 33.63 -5.31 25.59
C GLY A 78 32.21 -5.80 25.77
N GLU A 79 31.58 -5.34 26.85
CA GLU A 79 30.20 -5.73 27.12
C GLU A 79 29.28 -5.34 25.97
N GLY A 80 29.52 -4.17 25.38
CA GLY A 80 28.75 -3.70 24.24
C GLY A 80 28.71 -4.67 23.09
N ALA A 81 29.65 -5.62 23.05
CA ALA A 81 29.66 -6.61 21.98
C ALA A 81 28.41 -7.48 21.99
N ASP A 82 27.73 -7.59 23.13
CA ASP A 82 26.52 -8.41 23.18
C ASP A 82 25.30 -7.73 22.57
N TYR A 83 25.40 -6.45 22.21
CA TYR A 83 24.32 -5.72 21.59
C TYR A 83 24.57 -5.60 20.09
N LEU A 84 23.56 -5.90 19.29
CA LEU A 84 23.65 -5.81 17.84
C LEU A 84 22.45 -5.03 17.32
N TRP A 85 22.71 -3.87 16.71
CA TRP A 85 21.66 -3.11 16.06
C TRP A 85 21.53 -3.60 14.63
N VAL A 86 20.28 -3.80 14.18
CA VAL A 86 19.98 -4.30 12.85
C VAL A 86 19.12 -3.23 12.19
N ILE A 87 19.66 -2.57 11.18
CA ILE A 87 19.11 -1.31 10.67
C ILE A 87 18.77 -1.48 9.19
N ASP A 88 17.51 -1.21 8.84
CA ASP A 88 17.15 -0.86 7.47
C ASP A 88 16.86 0.63 7.47
N PRO A 89 17.76 1.47 6.94
CA PRO A 89 17.53 2.92 6.99
C PRO A 89 16.36 3.37 6.15
N LEU A 90 15.98 2.62 5.12
CA LEU A 90 14.85 2.98 4.27
C LEU A 90 14.30 1.68 3.70
N ASP A 91 13.24 1.16 4.31
CA ASP A 91 12.57 -0.04 3.80
C ASP A 91 11.38 0.37 2.94
N GLY A 92 11.40 -0.05 1.69
CA GLY A 92 10.49 0.43 0.66
C GLY A 92 11.17 1.33 -0.38
N THR A 93 12.39 0.95 -0.79
CA THR A 93 13.21 1.81 -1.64
C THR A 93 12.60 2.01 -3.02
N THR A 94 11.99 0.97 -3.60
CA THR A 94 11.38 1.12 -4.91
C THR A 94 10.17 2.05 -4.86
N ASN A 95 9.32 1.85 -3.86
CA ASN A 95 8.27 2.83 -3.56
C ASN A 95 8.85 4.23 -3.49
N PHE A 96 9.91 4.41 -2.69
CA PHE A 96 10.47 5.74 -2.50
C PHE A 96 10.92 6.35 -3.81
N ILE A 97 11.73 5.60 -4.60
CA ILE A 97 12.28 6.17 -5.82
C ILE A 97 11.17 6.49 -6.81
N HIS A 98 10.03 5.79 -6.71
CA HIS A 98 8.90 6.16 -7.54
C HIS A 98 8.02 7.24 -6.91
N GLY A 99 8.31 7.65 -5.68
CA GLY A 99 7.48 8.64 -5.01
C GLY A 99 6.22 8.08 -4.38
N VAL A 100 6.11 6.76 -4.26
CA VAL A 100 4.98 6.13 -3.59
C VAL A 100 5.16 6.34 -2.08
N PRO A 101 4.24 7.04 -1.42
CA PRO A 101 4.45 7.40 0.00
C PRO A 101 4.11 6.26 0.95
N HIS A 102 4.87 5.16 0.85
CA HIS A 102 4.71 4.01 1.73
C HIS A 102 6.09 3.39 1.92
N PHE A 103 6.73 3.68 3.04
CA PHE A 103 8.06 3.18 3.35
C PHE A 103 8.33 3.50 4.81
N ALA A 104 9.38 2.89 5.36
CA ALA A 104 9.62 3.05 6.79
C ALA A 104 11.11 2.96 7.09
N VAL A 105 11.49 3.51 8.24
CA VAL A 105 12.78 3.23 8.88
C VAL A 105 12.56 2.07 9.84
N SER A 106 13.45 1.09 9.80
CA SER A 106 13.34 -0.09 10.66
C SER A 106 14.63 -0.27 11.44
N ILE A 107 14.52 -0.33 12.77
CA ILE A 107 15.68 -0.43 13.66
C ILE A 107 15.36 -1.46 14.73
N ALA A 108 16.17 -2.51 14.84
CA ALA A 108 16.03 -3.45 15.93
C ALA A 108 17.33 -3.53 16.71
N CYS A 109 17.23 -3.96 17.96
CA CYS A 109 18.38 -4.26 18.79
C CYS A 109 18.21 -5.64 19.39
N LYS A 110 19.24 -6.47 19.21
CA LYS A 110 19.33 -7.82 19.75
C LYS A 110 20.35 -7.82 20.88
N TYR A 111 20.02 -8.45 21.99
CA TYR A 111 20.96 -8.66 23.08
C TYR A 111 21.25 -10.15 23.19
N LYS A 112 22.52 -10.51 23.00
CA LYS A 112 22.95 -11.90 22.93
C LYS A 112 22.10 -12.71 21.95
N GLY A 113 21.84 -12.11 20.79
CA GLY A 113 21.16 -12.79 19.69
C GLY A 113 19.65 -12.85 19.77
N ARG A 114 19.04 -12.22 20.77
CA ARG A 114 17.60 -12.26 20.97
C ARG A 114 17.04 -10.85 20.82
N LEU A 115 15.97 -10.71 20.05
CA LEU A 115 15.38 -9.41 19.80
C LEU A 115 15.01 -8.75 21.12
N GLU A 116 15.47 -7.52 21.32
CA GLU A 116 15.24 -6.79 22.56
C GLU A 116 14.47 -5.49 22.36
N HIS A 117 14.78 -4.71 21.32
CA HIS A 117 14.08 -3.46 21.05
C HIS A 117 13.76 -3.35 19.58
N ALA A 118 12.68 -2.64 19.26
CA ALA A 118 12.24 -2.52 17.87
C ALA A 118 11.54 -1.19 17.65
N VAL A 119 11.86 -0.56 16.51
CA VAL A 119 11.20 0.63 16.02
C VAL A 119 10.93 0.45 14.52
N VAL A 120 9.70 0.71 14.10
CA VAL A 120 9.34 0.86 12.70
C VAL A 120 8.61 2.19 12.56
N LEU A 121 9.19 3.11 11.79
CA LEU A 121 8.66 4.47 11.70
C LEU A 121 8.30 4.80 10.26
N ASP A 122 7.02 5.10 10.04
CA ASP A 122 6.52 5.59 8.75
C ASP A 122 6.48 7.10 8.82
N PRO A 123 7.41 7.80 8.15
CA PRO A 123 7.52 9.26 8.33
C PRO A 123 6.51 10.06 7.53
N VAL A 124 5.81 9.46 6.57
CA VAL A 124 4.74 10.17 5.87
C VAL A 124 3.51 10.27 6.76
N ARG A 125 3.00 9.13 7.20
CA ARG A 125 1.85 9.08 8.10
C ARG A 125 2.23 9.38 9.54
N GLN A 126 3.52 9.55 9.82
CA GLN A 126 4.03 9.80 11.17
C GLN A 126 3.51 8.76 12.15
N GLU A 127 3.76 7.50 11.81
CA GLU A 127 3.34 6.37 12.64
C GLU A 127 4.59 5.70 13.21
N GLU A 128 4.68 5.69 14.53
CA GLU A 128 5.84 5.14 15.26
C GLU A 128 5.41 3.87 15.97
N PHE A 129 5.81 2.71 15.43
CA PHE A 129 5.63 1.42 16.08
C PHE A 129 6.86 1.12 16.91
N THR A 130 6.69 0.90 18.20
CA THR A 130 7.80 0.62 19.09
C THR A 130 7.48 -0.62 19.91
N ALA A 131 8.55 -1.28 20.38
CA ALA A 131 8.38 -2.42 21.28
C ALA A 131 9.71 -2.73 21.96
N SER A 132 9.61 -3.32 23.14
CA SER A 132 10.74 -3.94 23.81
C SER A 132 10.32 -5.30 24.32
N ARG A 133 11.29 -6.21 24.43
CA ARG A 133 11.00 -7.56 24.86
C ARG A 133 10.34 -7.56 26.24
N GLY A 134 9.20 -8.24 26.34
CA GLY A 134 8.46 -8.30 27.59
C GLY A 134 7.75 -7.02 27.99
N ARG A 135 7.61 -6.06 27.07
CA ARG A 135 7.02 -4.77 27.37
C ARG A 135 5.83 -4.44 26.49
N GLY A 136 5.45 -5.32 25.57
CA GLY A 136 4.38 -5.02 24.64
C GLY A 136 4.86 -4.14 23.50
N ALA A 137 3.95 -3.90 22.55
CA ALA A 137 4.19 -3.02 21.41
C ALA A 137 3.16 -1.90 21.40
N ALA A 138 3.50 -0.83 20.68
CA ALA A 138 2.67 0.37 20.71
C ALA A 138 2.81 1.14 19.41
N LEU A 139 1.72 1.83 19.04
CA LEU A 139 1.70 2.74 17.90
C LEU A 139 1.47 4.15 18.45
N ASN A 140 2.47 5.01 18.32
CA ASN A 140 2.42 6.36 18.88
C ASN A 140 1.94 6.33 20.33
N GLY A 141 2.48 5.39 21.10
CA GLY A 141 2.19 5.31 22.51
C GLY A 141 1.02 4.45 22.92
N ARG A 142 0.14 4.05 21.99
CA ARG A 142 -1.02 3.25 22.36
C ARG A 142 -0.76 1.77 22.12
N ARG A 143 -1.12 0.95 23.09
CA ARG A 143 -0.75 -0.47 23.09
C ARG A 143 -1.42 -1.22 21.95
N LEU A 144 -0.67 -2.11 21.32
CA LEU A 144 -1.10 -2.86 20.15
C LEU A 144 -1.41 -4.31 20.52
N ARG A 145 -2.41 -4.86 19.85
CA ARG A 145 -2.75 -6.28 19.96
C ARG A 145 -3.07 -6.81 18.58
N VAL A 146 -2.65 -8.05 18.30
CA VAL A 146 -3.01 -8.67 17.03
C VAL A 146 -4.53 -8.85 16.98
N SER A 147 -5.05 -9.00 15.76
CA SER A 147 -6.49 -9.13 15.61
C SER A 147 -6.99 -10.41 16.24
N GLY A 148 -8.30 -10.49 16.42
CA GLY A 148 -8.91 -11.67 16.99
C GLY A 148 -9.44 -12.66 15.98
N ARG A 149 -9.19 -12.47 14.69
CA ARG A 149 -9.79 -13.32 13.68
C ARG A 149 -9.37 -14.77 13.88
N LYS A 150 -10.35 -15.68 13.82
CA LYS A 150 -10.17 -17.08 14.19
C LYS A 150 -9.76 -17.96 13.02
N SER A 151 -9.81 -17.46 11.79
CA SER A 151 -9.49 -18.28 10.63
C SER A 151 -9.18 -17.36 9.46
N LEU A 152 -8.82 -17.96 8.33
CA LEU A 152 -8.56 -17.18 7.12
C LEU A 152 -9.83 -16.65 6.47
N GLU A 153 -11.01 -17.13 6.87
CA GLU A 153 -12.25 -16.62 6.32
C GLU A 153 -12.38 -15.13 6.62
N GLY A 154 -12.44 -14.32 5.57
CA GLY A 154 -12.53 -12.87 5.71
C GLY A 154 -11.24 -12.17 6.08
N ALA A 155 -10.13 -12.90 6.15
CA ALA A 155 -8.87 -12.30 6.59
C ALA A 155 -8.32 -11.33 5.55
N LEU A 156 -7.58 -10.34 6.03
CA LEU A 156 -6.79 -9.45 5.19
C LEU A 156 -5.34 -9.84 5.40
N LEU A 157 -4.73 -10.41 4.36
CA LEU A 157 -3.35 -10.85 4.43
C LEU A 157 -2.45 -9.82 3.78
N GLY A 158 -1.24 -9.69 4.31
CA GLY A 158 -0.20 -8.95 3.62
C GLY A 158 0.80 -9.91 3.03
N THR A 159 1.57 -9.48 2.04
CA THR A 159 2.54 -10.38 1.42
C THR A 159 3.58 -9.55 0.68
N GLY A 160 4.63 -10.23 0.26
CA GLY A 160 5.63 -9.64 -0.63
C GLY A 160 5.90 -10.55 -1.79
N PHE A 161 6.08 -9.96 -2.97
CA PHE A 161 6.19 -10.71 -4.21
C PHE A 161 7.63 -11.15 -4.45
N PRO A 162 7.84 -12.37 -4.96
CA PRO A 162 9.20 -12.82 -5.32
C PRO A 162 9.64 -12.22 -6.65
N PHE A 163 10.13 -10.98 -6.59
CA PHE A 163 10.37 -10.16 -7.78
C PHE A 163 11.79 -10.29 -8.33
N ARG A 164 12.73 -10.83 -7.57
CA ARG A 164 14.11 -10.89 -8.00
C ARG A 164 14.30 -11.96 -9.08
N ASP A 165 15.31 -11.75 -9.93
CA ASP A 165 15.63 -12.75 -10.94
C ASP A 165 15.94 -14.10 -10.29
N ASN A 166 16.73 -14.09 -9.22
CA ASN A 166 17.14 -15.34 -8.57
C ASN A 166 16.00 -16.02 -7.84
N GLN A 167 14.78 -15.48 -7.92
CA GLN A 167 13.61 -16.12 -7.34
C GLN A 167 12.71 -16.72 -8.39
N ILE A 168 13.07 -16.64 -9.69
CA ILE A 168 12.13 -17.07 -10.72
C ILE A 168 11.75 -18.54 -10.54
N ASP A 169 12.70 -19.36 -10.07
CA ASP A 169 12.43 -20.80 -9.91
C ASP A 169 11.36 -21.07 -8.85
N ASN A 170 11.07 -20.11 -7.97
CA ASN A 170 10.02 -20.27 -6.98
C ASN A 170 8.77 -19.47 -7.31
N LEU A 171 8.79 -18.67 -8.37
CA LEU A 171 7.67 -17.77 -8.67
C LEU A 171 6.35 -18.54 -8.75
N ASP A 172 6.31 -19.60 -9.56
CA ASP A 172 5.08 -20.37 -9.68
C ASP A 172 4.67 -20.98 -8.35
N ASN A 173 5.65 -21.47 -7.57
CA ASN A 173 5.36 -21.91 -6.21
C ASN A 173 4.58 -20.83 -5.46
N TYR A 174 5.14 -19.62 -5.43
CA TYR A 174 4.47 -18.52 -4.75
C TYR A 174 3.08 -18.29 -5.34
N LEU A 175 2.97 -18.30 -6.66
CA LEU A 175 1.68 -18.00 -7.26
C LEU A 175 0.66 -19.06 -6.90
N ASN A 176 1.13 -20.29 -6.63
CA ASN A 176 0.22 -21.32 -6.15
C ASN A 176 -0.24 -21.02 -4.74
N MET A 177 0.71 -20.66 -3.85
CA MET A 177 0.33 -20.23 -2.50
C MET A 177 -0.77 -19.18 -2.59
N PHE A 178 -0.43 -18.03 -3.17
CA PHE A 178 -1.38 -16.96 -3.43
C PHE A 178 -2.73 -17.50 -3.91
N ARG A 179 -2.72 -18.40 -4.90
CA ARG A 179 -3.97 -18.87 -5.48
C ARG A 179 -4.86 -19.49 -4.42
N SER A 180 -4.32 -20.45 -3.66
CA SER A 180 -5.12 -21.15 -2.67
C SER A 180 -5.61 -20.26 -1.54
N LEU A 181 -5.17 -19.00 -1.49
CA LEU A 181 -5.63 -18.10 -0.44
C LEU A 181 -6.72 -17.14 -0.91
N VAL A 182 -7.00 -17.09 -2.21
CA VAL A 182 -7.88 -16.03 -2.72
C VAL A 182 -9.33 -16.28 -2.32
N GLY A 183 -9.74 -17.55 -2.28
CA GLY A 183 -11.15 -17.85 -2.03
C GLY A 183 -11.62 -17.44 -0.65
N GLN A 184 -10.91 -17.89 0.39
CA GLN A 184 -11.38 -17.69 1.76
C GLN A 184 -11.14 -16.28 2.27
N THR A 185 -10.05 -15.65 1.86
CA THR A 185 -9.68 -14.36 2.43
C THR A 185 -10.54 -13.24 1.86
N ALA A 186 -10.57 -12.12 2.57
CA ALA A 186 -11.23 -10.93 2.07
C ALA A 186 -10.32 -10.11 1.17
N GLY A 187 -9.01 -10.27 1.30
CA GLY A 187 -8.09 -9.50 0.49
C GLY A 187 -6.65 -9.85 0.79
N ILE A 188 -5.80 -9.55 -0.19
CA ILE A 188 -4.36 -9.70 -0.06
C ILE A 188 -3.75 -8.39 -0.53
N ARG A 189 -2.77 -7.90 0.24
CA ARG A 189 -2.18 -6.59 -0.01
C ARG A 189 -0.67 -6.73 -0.15
N ARG A 190 -0.13 -6.05 -1.16
CA ARG A 190 1.32 -5.97 -1.37
C ARG A 190 1.62 -4.49 -1.50
N ALA A 191 1.88 -3.84 -0.36
CA ALA A 191 2.11 -2.40 -0.34
C ALA A 191 3.57 -2.03 -0.55
N GLY A 192 4.50 -2.96 -0.37
CA GLY A 192 5.87 -2.76 -0.75
C GLY A 192 6.85 -2.38 0.33
N ALA A 193 6.55 -2.64 1.60
CA ALA A 193 7.51 -2.39 2.68
C ALA A 193 7.29 -3.44 3.77
N ALA A 194 8.18 -4.43 3.83
CA ALA A 194 7.97 -5.58 4.71
C ALA A 194 7.89 -5.18 6.18
N SER A 195 8.69 -4.20 6.60
CA SER A 195 8.63 -3.77 8.00
C SER A 195 7.25 -3.24 8.35
N LEU A 196 6.61 -2.55 7.41
CA LEU A 196 5.26 -2.06 7.69
C LEU A 196 4.23 -3.17 7.61
N ASP A 197 4.46 -4.20 6.78
CA ASP A 197 3.55 -5.34 6.78
C ASP A 197 3.57 -6.04 8.13
N LEU A 198 4.77 -6.23 8.70
CA LEU A 198 4.86 -6.83 10.02
C LEU A 198 4.24 -5.92 11.07
N ALA A 199 4.55 -4.62 11.02
CA ALA A 199 3.92 -3.67 11.94
C ALA A 199 2.40 -3.71 11.85
N TYR A 200 1.86 -3.90 10.63
CA TYR A 200 0.40 -3.95 10.46
C TYR A 200 -0.18 -5.23 11.04
N VAL A 201 0.54 -6.34 10.91
CA VAL A 201 0.14 -7.55 11.62
C VAL A 201 0.10 -7.28 13.12
N ALA A 202 1.15 -6.64 13.64
CA ALA A 202 1.22 -6.34 15.06
C ALA A 202 0.06 -5.47 15.52
N ALA A 203 -0.33 -4.50 14.69
CA ALA A 203 -1.40 -3.58 15.07
C ALA A 203 -2.79 -4.14 14.82
N GLY A 204 -2.90 -5.33 14.27
CA GLY A 204 -4.19 -5.86 13.90
C GLY A 204 -4.72 -5.41 12.56
N ARG A 205 -3.93 -4.67 11.77
CA ARG A 205 -4.40 -4.21 10.47
C ARG A 205 -4.34 -5.31 9.42
N TYR A 206 -3.38 -6.23 9.53
CA TYR A 206 -3.35 -7.47 8.77
C TYR A 206 -3.52 -8.63 9.75
N ASP A 207 -4.17 -9.69 9.28
CA ASP A 207 -4.33 -10.86 10.13
C ASP A 207 -3.15 -11.83 10.05
N ALA A 208 -2.39 -11.79 8.95
CA ALA A 208 -1.20 -12.62 8.79
C ALA A 208 -0.43 -12.09 7.58
N PHE A 209 0.77 -12.64 7.40
CA PHE A 209 1.75 -12.14 6.44
C PHE A 209 2.72 -13.27 6.13
N TRP A 210 3.16 -13.35 4.87
CA TRP A 210 4.16 -14.34 4.49
C TRP A 210 5.01 -13.79 3.34
N GLU A 211 6.29 -14.15 3.34
CA GLU A 211 7.20 -13.71 2.28
C GLU A 211 8.49 -14.50 2.40
N PHE A 212 9.13 -14.78 1.27
CA PHE A 212 10.48 -15.32 1.29
C PHE A 212 11.43 -14.39 0.54
N GLY A 213 12.72 -14.61 0.72
CA GLY A 213 13.74 -13.78 0.09
C GLY A 213 14.16 -12.55 0.87
N LEU A 214 13.68 -12.39 2.11
CA LEU A 214 13.94 -11.19 2.89
C LEU A 214 15.29 -11.27 3.59
N SER A 215 15.82 -10.10 3.96
CA SER A 215 17.04 -10.01 4.75
C SER A 215 16.70 -9.70 6.20
N GLU A 216 17.71 -9.85 7.07
CA GLU A 216 17.49 -9.73 8.51
C GLU A 216 16.92 -8.37 8.87
N TRP A 217 17.47 -7.30 8.27
CA TRP A 217 17.03 -5.95 8.60
C TRP A 217 15.59 -5.70 8.16
N ASP A 218 15.12 -6.41 7.13
CA ASP A 218 13.73 -6.28 6.73
C ASP A 218 12.79 -6.74 7.83
N MET A 219 13.20 -7.76 8.61
CA MET A 219 12.27 -8.47 9.49
C MET A 219 12.47 -8.27 10.98
N ALA A 220 13.65 -7.86 11.44
CA ALA A 220 13.97 -8.00 12.87
C ALA A 220 13.01 -7.17 13.73
N ALA A 221 12.90 -5.87 13.43
CA ALA A 221 12.04 -5.00 14.23
C ALA A 221 10.58 -5.43 14.15
N GLY A 222 10.09 -5.72 12.94
CA GLY A 222 8.69 -6.09 12.78
C GLY A 222 8.35 -7.41 13.47
N ALA A 223 9.29 -8.36 13.47
CA ALA A 223 9.08 -9.60 14.19
C ALA A 223 8.93 -9.36 15.68
N LEU A 224 9.78 -8.50 16.26
CA LEU A 224 9.59 -8.17 17.67
C LEU A 224 8.23 -7.51 17.90
N LEU A 225 7.82 -6.63 16.99
CA LEU A 225 6.51 -5.98 17.14
C LEU A 225 5.40 -7.02 17.17
N VAL A 226 5.44 -7.98 16.25
CA VAL A 226 4.38 -8.97 16.20
C VAL A 226 4.38 -9.81 17.47
N GLN A 227 5.56 -10.22 17.93
CA GLN A 227 5.63 -11.04 19.12
C GLN A 227 5.11 -10.30 20.35
N GLU A 228 5.47 -9.01 20.48
CA GLU A 228 5.05 -8.25 21.65
C GLU A 228 3.59 -7.83 21.60
N ALA A 229 2.97 -7.85 20.43
CA ALA A 229 1.54 -7.62 20.30
C ALA A 229 0.71 -8.88 20.49
N GLY A 230 1.35 -9.99 20.88
CA GLY A 230 0.65 -11.24 21.11
C GLY A 230 0.53 -12.16 19.91
N GLY A 231 1.29 -11.93 18.84
CA GLY A 231 1.24 -12.76 17.66
C GLY A 231 2.34 -13.79 17.62
N LEU A 232 2.43 -14.47 16.47
CA LEU A 232 3.43 -15.52 16.25
C LEU A 232 4.20 -15.25 14.97
N VAL A 233 5.50 -15.58 15.01
CA VAL A 233 6.42 -15.44 13.89
C VAL A 233 7.24 -16.72 13.75
N SER A 234 7.42 -17.18 12.52
CA SER A 234 8.26 -18.34 12.26
C SER A 234 8.75 -18.29 10.82
N ASP A 235 9.65 -19.21 10.48
CA ASP A 235 10.01 -19.42 9.08
C ASP A 235 9.00 -20.38 8.45
N PHE A 236 9.24 -20.78 7.21
CA PHE A 236 8.25 -21.57 6.49
C PHE A 236 8.11 -22.99 7.03
N THR A 237 9.06 -23.46 7.85
CA THR A 237 8.93 -24.78 8.48
C THR A 237 8.45 -24.68 9.93
N GLY A 238 8.11 -23.49 10.40
CA GLY A 238 7.62 -23.32 11.75
C GLY A 238 8.68 -23.14 12.82
N SER A 239 9.94 -23.00 12.44
CA SER A 239 11.02 -22.81 13.40
C SER A 239 11.36 -21.33 13.53
N HIS A 240 12.33 -21.03 14.39
CA HIS A 240 12.62 -19.65 14.79
C HIS A 240 13.73 -18.99 13.98
N GLU A 241 14.14 -19.59 12.86
CA GLU A 241 15.26 -19.07 12.07
C GLU A 241 14.80 -18.23 10.89
N PHE A 242 13.66 -17.53 11.01
CA PHE A 242 13.21 -16.69 9.91
C PHE A 242 14.21 -15.58 9.59
N LEU A 243 14.93 -15.08 10.61
CA LEU A 243 15.90 -14.01 10.38
C LEU A 243 17.07 -14.51 9.53
N GLU A 244 17.48 -15.76 9.73
CA GLU A 244 18.62 -16.32 9.02
C GLU A 244 18.23 -16.86 7.65
N LYS A 245 17.04 -17.44 7.53
CA LYS A 245 16.64 -18.08 6.27
C LYS A 245 15.90 -17.15 5.31
N GLY A 246 15.34 -16.05 5.79
CA GLY A 246 14.71 -15.09 4.92
C GLY A 246 13.28 -15.41 4.51
N HIS A 247 12.72 -16.53 4.92
CA HIS A 247 11.30 -16.80 4.71
C HIS A 247 10.56 -16.71 6.04
N ILE A 248 9.39 -16.08 6.02
CA ILE A 248 8.75 -15.65 7.25
C ILE A 248 7.23 -15.74 7.09
N VAL A 249 6.59 -16.26 8.14
CA VAL A 249 5.16 -16.20 8.35
C VAL A 249 4.92 -15.53 9.69
N ALA A 250 4.10 -14.49 9.70
CA ALA A 250 3.74 -13.80 10.92
C ALA A 250 2.23 -13.63 10.96
N GLY A 251 1.64 -13.58 12.15
CA GLY A 251 0.21 -13.36 12.20
C GLY A 251 -0.35 -13.49 13.59
N ASN A 252 -1.66 -13.24 13.68
CA ASN A 252 -2.38 -13.52 14.91
C ASN A 252 -2.36 -15.03 15.16
N THR A 253 -2.93 -15.44 16.29
CA THR A 253 -2.76 -16.80 16.77
C THR A 253 -3.22 -17.82 15.73
N LYS A 254 -4.48 -17.72 15.29
CA LYS A 254 -5.04 -18.77 14.43
C LYS A 254 -4.68 -18.56 12.96
N CYS A 255 -4.61 -17.31 12.51
CA CYS A 255 -4.29 -17.08 11.10
C CYS A 255 -2.83 -17.39 10.79
N PHE A 256 -1.91 -17.19 11.75
CA PHE A 256 -0.54 -17.64 11.57
C PHE A 256 -0.49 -19.14 11.26
N LYS A 257 -1.09 -19.95 12.13
CA LYS A 257 -1.06 -21.39 11.95
C LYS A 257 -1.74 -21.80 10.65
N ALA A 258 -2.88 -21.16 10.35
CA ALA A 258 -3.62 -21.52 9.15
C ALA A 258 -2.82 -21.20 7.89
N LEU A 259 -2.16 -20.04 7.85
CA LEU A 259 -1.36 -19.67 6.69
C LEU A 259 -0.13 -20.57 6.55
N LEU A 260 0.54 -20.88 7.66
CA LEU A 260 1.68 -21.81 7.62
C LEU A 260 1.26 -23.14 7.03
N THR A 261 0.17 -23.72 7.56
CA THR A 261 -0.35 -24.98 7.02
C THR A 261 -0.69 -24.86 5.54
N THR A 262 -1.31 -23.74 5.15
CA THR A 262 -1.76 -23.57 3.78
C THR A 262 -0.60 -23.53 2.80
N ILE A 263 0.50 -22.87 3.20
CA ILE A 263 1.63 -22.79 2.27
C ILE A 263 2.45 -24.07 2.23
N GLN A 264 2.35 -24.94 3.26
CA GLN A 264 3.10 -26.19 3.25
C GLN A 264 3.14 -26.95 1.91
N PRO A 265 2.01 -27.27 1.26
CA PRO A 265 2.11 -28.11 0.04
C PRO A 265 2.79 -27.42 -1.15
N HIS A 266 2.90 -26.09 -1.14
CA HIS A 266 3.51 -25.35 -2.23
C HIS A 266 4.93 -24.93 -1.93
N LEU A 267 5.57 -25.57 -0.95
CA LEU A 267 6.94 -25.21 -0.61
C LEU A 267 7.93 -26.00 -1.47
N PRO A 268 8.88 -25.34 -2.10
CA PRO A 268 9.99 -26.07 -2.72
C PRO A 268 10.91 -26.61 -1.63
N PRO A 269 11.66 -27.68 -1.92
CA PRO A 269 12.61 -28.18 -0.91
C PRO A 269 13.65 -27.16 -0.51
N SER A 270 13.85 -26.10 -1.30
CA SER A 270 14.79 -25.04 -0.91
C SER A 270 14.25 -24.20 0.24
N LEU A 271 12.93 -24.02 0.31
CA LEU A 271 12.30 -23.29 1.40
C LEU A 271 11.75 -24.21 2.48
N LYS A 272 12.00 -25.52 2.38
CA LYS A 272 11.64 -26.48 3.40
C LYS A 272 12.85 -26.93 4.23
N ARG A 273 13.97 -26.22 4.12
CA ARG A 273 15.18 -26.55 4.88
C ARG A 273 15.16 -25.87 6.25
N GLY B 1 -9.18 28.72 -6.59
CA GLY B 1 -8.44 29.84 -7.14
C GLY B 1 -8.26 29.71 -8.64
N SER B 2 -7.45 28.75 -9.04
CA SER B 2 -7.33 28.36 -10.43
C SER B 2 -8.40 27.34 -10.84
N MET B 3 -9.03 26.68 -9.87
CA MET B 3 -10.02 25.67 -10.16
C MET B 3 -11.33 26.29 -10.64
N GLN B 4 -11.97 25.65 -11.61
CA GLN B 4 -13.31 26.02 -11.97
C GLN B 4 -14.24 25.81 -10.77
N PRO B 5 -15.28 26.64 -10.63
CA PRO B 5 -16.12 26.55 -9.42
C PRO B 5 -16.69 25.17 -9.14
N MET B 6 -17.06 24.44 -10.19
CA MET B 6 -17.60 23.09 -10.03
C MET B 6 -16.57 22.16 -9.39
N LEU B 7 -15.31 22.27 -9.83
CA LEU B 7 -14.24 21.46 -9.25
C LEU B 7 -13.99 21.84 -7.79
N ASN B 8 -14.05 23.14 -7.47
CA ASN B 8 -13.85 23.56 -6.09
C ASN B 8 -14.96 23.05 -5.19
N ILE B 9 -16.20 23.07 -5.68
CA ILE B 9 -17.32 22.49 -4.93
C ILE B 9 -17.05 21.02 -4.64
N ALA B 10 -16.67 20.26 -5.68
CA ALA B 10 -16.38 18.85 -5.50
C ALA B 10 -15.24 18.63 -4.51
N LEU B 11 -14.23 19.50 -4.56
CA LEU B 11 -13.08 19.36 -3.67
C LEU B 11 -13.47 19.58 -2.21
N ARG B 12 -14.28 20.61 -1.93
CA ARG B 12 -14.72 20.84 -0.57
C ARG B 12 -15.61 19.70 -0.07
N ALA B 13 -16.47 19.16 -0.95
CA ALA B 13 -17.28 17.99 -0.56
C ALA B 13 -16.39 16.81 -0.20
N ALA B 14 -15.36 16.56 -1.01
CA ALA B 14 -14.43 15.48 -0.71
C ALA B 14 -13.71 15.72 0.62
N ARG B 15 -13.31 16.97 0.89
CA ARG B 15 -12.62 17.28 2.13
C ARG B 15 -13.49 16.95 3.34
N SER B 16 -14.74 17.39 3.32
CA SER B 16 -15.61 17.15 4.48
C SER B 16 -15.84 15.65 4.67
N ALA B 17 -16.16 14.93 3.58
CA ALA B 17 -16.32 13.48 3.70
C ALA B 17 -15.06 12.83 4.26
N GLY B 18 -13.88 13.27 3.79
CA GLY B 18 -12.65 12.65 4.23
C GLY B 18 -12.35 12.89 5.69
N GLU B 19 -12.64 14.10 6.19
CA GLU B 19 -12.50 14.35 7.61
C GLU B 19 -13.42 13.45 8.43
N LEU B 20 -14.65 13.26 7.96
CA LEU B 20 -15.56 12.34 8.64
C LEU B 20 -14.98 10.92 8.67
N ILE B 21 -14.49 10.45 7.53
CA ILE B 21 -13.93 9.10 7.43
C ILE B 21 -12.70 8.96 8.34
N PHE B 22 -11.89 10.01 8.42
CA PHE B 22 -10.68 9.95 9.22
C PHE B 22 -11.00 9.85 10.71
N ARG B 23 -11.95 10.66 11.19
CA ARG B 23 -12.36 10.51 12.58
C ARG B 23 -12.93 9.13 12.83
N SER B 24 -13.69 8.58 11.87
CA SER B 24 -14.26 7.25 12.03
C SER B 24 -13.18 6.19 12.21
N ILE B 25 -12.15 6.21 11.34
CA ILE B 25 -11.06 5.24 11.46
C ILE B 25 -10.37 5.39 12.82
N GLU B 26 -10.18 6.63 13.27
CA GLU B 26 -9.52 6.83 14.56
C GLU B 26 -10.32 6.21 15.69
N ARG B 27 -11.66 6.29 15.63
CA ARG B 27 -12.46 5.70 16.69
C ARG B 27 -12.52 4.18 16.58
N LEU B 28 -12.56 3.63 15.37
CA LEU B 28 -12.57 2.17 15.24
C LEU B 28 -11.23 1.54 15.64
N ASP B 29 -10.13 2.30 15.59
CA ASP B 29 -8.84 1.72 15.94
C ASP B 29 -8.72 1.39 17.43
N VAL B 30 -9.50 2.03 18.30
CA VAL B 30 -9.39 1.80 19.74
C VAL B 30 -10.48 0.87 20.27
N ILE B 31 -11.23 0.19 19.39
CA ILE B 31 -12.23 -0.77 19.82
C ILE B 31 -12.15 -2.03 18.95
N SER B 32 -12.70 -3.12 19.49
CA SER B 32 -12.69 -4.41 18.82
C SER B 32 -13.89 -4.51 17.89
N VAL B 33 -13.64 -4.69 16.59
CA VAL B 33 -14.69 -4.74 15.59
C VAL B 33 -15.08 -6.19 15.37
N ASN B 34 -16.28 -6.55 15.85
CA ASN B 34 -16.85 -7.86 15.56
C ASN B 34 -16.91 -8.09 14.05
N GLU B 35 -16.72 -9.35 13.65
CA GLU B 35 -16.83 -9.66 12.23
C GLU B 35 -18.25 -9.45 11.72
N LYS B 36 -19.26 -9.70 12.56
CA LYS B 36 -20.64 -9.41 12.17
C LYS B 36 -20.88 -7.90 12.11
N ASP B 37 -20.20 -7.13 12.95
CA ASP B 37 -20.41 -5.69 13.04
C ASP B 37 -19.61 -4.90 12.01
N ALA B 38 -18.64 -5.53 11.35
CA ALA B 38 -17.79 -4.81 10.41
C ALA B 38 -18.59 -4.29 9.23
N LYS B 39 -19.48 -5.12 8.66
CA LYS B 39 -20.29 -4.70 7.54
C LYS B 39 -21.20 -3.54 7.92
N ASP B 40 -21.74 -3.57 9.15
CA ASP B 40 -22.63 -2.50 9.59
C ASP B 40 -21.85 -1.20 9.79
N TYR B 41 -20.67 -1.28 10.40
CA TYR B 41 -19.80 -0.11 10.50
C TYR B 41 -19.52 0.48 9.12
N VAL B 42 -19.21 -0.38 8.14
CA VAL B 42 -18.86 0.11 6.81
C VAL B 42 -20.07 0.76 6.14
N THR B 43 -21.24 0.13 6.23
CA THR B 43 -22.44 0.74 5.66
C THR B 43 -22.70 2.10 6.28
N GLU B 44 -22.54 2.20 7.60
CA GLU B 44 -22.73 3.48 8.30
C GLU B 44 -21.78 4.56 7.76
N VAL B 45 -20.47 4.28 7.77
CA VAL B 45 -19.51 5.29 7.35
C VAL B 45 -19.71 5.64 5.88
N ASP B 46 -19.93 4.63 5.03
CA ASP B 46 -20.23 4.83 3.62
C ASP B 46 -21.38 5.82 3.43
N ARG B 47 -22.50 5.56 4.11
CA ARG B 47 -23.68 6.39 3.89
C ARG B 47 -23.52 7.77 4.49
N ALA B 48 -22.81 7.90 5.61
CA ALA B 48 -22.57 9.22 6.18
C ALA B 48 -21.68 10.06 5.27
N ALA B 49 -20.63 9.45 4.71
CA ALA B 49 -19.78 10.19 3.78
C ALA B 49 -20.52 10.54 2.51
N GLU B 50 -21.36 9.62 2.01
CA GLU B 50 -22.15 9.94 0.82
C GLU B 50 -23.13 11.07 1.09
N GLN B 51 -23.79 11.06 2.24
CA GLN B 51 -24.66 12.18 2.61
C GLN B 51 -23.90 13.48 2.61
N THR B 52 -22.72 13.49 3.24
CA THR B 52 -21.89 14.70 3.26
C THR B 52 -21.66 15.22 1.85
N ILE B 53 -21.19 14.34 0.98
CA ILE B 53 -20.85 14.73 -0.39
C ILE B 53 -22.08 15.25 -1.13
N VAL B 54 -23.18 14.48 -1.06
CA VAL B 54 -24.37 14.79 -1.85
C VAL B 54 -25.00 16.10 -1.38
N ALA B 55 -25.05 16.32 -0.07
CA ALA B 55 -25.54 17.59 0.45
C ALA B 55 -24.70 18.75 -0.10
N ALA B 56 -23.37 18.62 -0.05
CA ALA B 56 -22.53 19.71 -0.55
C ALA B 56 -22.72 19.93 -2.04
N LEU B 57 -22.81 18.85 -2.82
CA LEU B 57 -22.98 19.00 -4.27
C LEU B 57 -24.30 19.66 -4.60
N ARG B 58 -25.39 19.19 -3.98
CA ARG B 58 -26.72 19.69 -4.31
C ARG B 58 -26.98 21.08 -3.73
N LYS B 59 -26.21 21.50 -2.73
CA LYS B 59 -26.34 22.88 -2.28
C LYS B 59 -25.94 23.86 -3.37
N ALA B 60 -25.01 23.45 -4.24
CA ALA B 60 -24.56 24.26 -5.37
C ALA B 60 -25.29 23.94 -6.66
N TYR B 61 -25.55 22.67 -6.96
CA TYR B 61 -26.17 22.26 -8.22
C TYR B 61 -27.34 21.33 -7.94
N PRO B 62 -28.47 21.88 -7.50
CA PRO B 62 -29.62 21.02 -7.15
C PRO B 62 -30.23 20.30 -8.34
N THR B 63 -30.02 20.78 -9.57
CA THR B 63 -30.62 20.17 -10.75
C THR B 63 -29.70 19.15 -11.42
N HIS B 64 -28.54 18.86 -10.83
CA HIS B 64 -27.66 17.87 -11.43
C HIS B 64 -28.11 16.45 -11.07
N ALA B 65 -27.72 15.50 -11.92
CA ALA B 65 -27.91 14.09 -11.63
C ALA B 65 -26.79 13.57 -10.72
N ILE B 66 -27.14 12.57 -9.92
CA ILE B 66 -26.24 12.03 -8.91
C ILE B 66 -26.24 10.51 -9.01
N MET B 67 -25.06 9.91 -8.93
CA MET B 67 -24.90 8.46 -8.96
C MET B 67 -23.87 8.11 -7.90
N GLY B 68 -24.36 7.66 -6.75
CA GLY B 68 -23.51 7.22 -5.66
C GLY B 68 -23.52 5.70 -5.57
N GLU B 69 -22.44 5.14 -5.04
CA GLU B 69 -22.38 3.70 -4.82
C GLU B 69 -23.47 3.26 -3.85
N GLU B 70 -23.63 3.99 -2.75
CA GLU B 70 -24.65 3.63 -1.75
C GLU B 70 -26.06 3.87 -2.27
N GLY B 71 -26.29 5.02 -2.92
CA GLY B 71 -27.63 5.49 -3.21
C GLY B 71 -28.15 5.31 -4.62
N GLY B 72 -27.37 4.76 -5.54
CA GLY B 72 -27.86 4.52 -6.90
C GLY B 72 -27.80 5.76 -7.77
N LEU B 73 -28.67 5.81 -8.78
CA LEU B 73 -28.72 6.88 -9.76
C LEU B 73 -30.03 7.66 -9.62
N ILE B 74 -29.91 8.99 -9.59
CA ILE B 74 -31.04 9.92 -9.50
C ILE B 74 -30.83 10.98 -10.57
N GLU B 75 -31.83 11.16 -11.44
CA GLU B 75 -31.68 12.05 -12.58
C GLU B 75 -31.79 13.51 -12.16
N GLY B 76 -31.30 14.39 -13.04
CA GLY B 76 -31.39 15.82 -12.87
C GLY B 76 -32.56 16.40 -13.64
N SER B 77 -32.51 17.73 -13.83
CA SER B 77 -33.60 18.43 -14.49
C SER B 77 -33.04 19.67 -15.19
N GLY B 78 -33.72 20.09 -16.25
CA GLY B 78 -33.25 21.20 -17.05
C GLY B 78 -31.88 20.91 -17.65
N GLU B 79 -31.12 21.99 -17.88
CA GLU B 79 -29.73 21.82 -18.34
C GLU B 79 -28.92 20.99 -17.35
N GLY B 80 -29.24 21.08 -16.06
CA GLY B 80 -28.56 20.26 -15.06
C GLY B 80 -28.65 18.77 -15.33
N ALA B 81 -29.62 18.33 -16.14
CA ALA B 81 -29.71 16.92 -16.48
C ALA B 81 -28.47 16.44 -17.23
N ASP B 82 -27.70 17.34 -17.84
CA ASP B 82 -26.51 16.96 -18.56
C ASP B 82 -25.30 16.74 -17.65
N TYR B 83 -25.43 17.01 -16.35
CA TYR B 83 -24.35 16.81 -15.40
C TYR B 83 -24.66 15.59 -14.54
N LEU B 84 -23.69 14.67 -14.44
CA LEU B 84 -23.84 13.47 -13.62
C LEU B 84 -22.64 13.36 -12.69
N TRP B 85 -22.88 13.39 -11.39
CA TRP B 85 -21.83 13.16 -10.41
C TRP B 85 -21.73 11.67 -10.13
N VAL B 86 -20.51 11.14 -10.14
CA VAL B 86 -20.24 9.72 -9.93
C VAL B 86 -19.36 9.64 -8.69
N ILE B 87 -19.93 9.10 -7.60
CA ILE B 87 -19.35 9.23 -6.27
C ILE B 87 -19.06 7.84 -5.71
N ASP B 88 -17.81 7.59 -5.33
CA ASP B 88 -17.53 6.58 -4.32
C ASP B 88 -17.17 7.29 -3.03
N PRO B 89 -18.03 7.23 -2.01
CA PRO B 89 -17.75 7.96 -0.77
C PRO B 89 -16.61 7.37 0.03
N LEU B 90 -16.26 6.10 -0.20
CA LEU B 90 -15.14 5.47 0.51
C LEU B 90 -14.60 4.35 -0.37
N ASP B 91 -13.51 4.65 -1.07
CA ASP B 91 -12.80 3.66 -1.89
C ASP B 91 -11.70 3.02 -1.06
N GLY B 92 -11.77 1.71 -0.89
CA GLY B 92 -10.85 1.01 -0.01
C GLY B 92 -11.49 0.61 1.30
N THR B 93 -12.69 0.01 1.26
CA THR B 93 -13.42 -0.27 2.49
C THR B 93 -12.87 -1.45 3.26
N THR B 94 -12.28 -2.44 2.58
CA THR B 94 -11.67 -3.55 3.30
C THR B 94 -10.47 -3.08 4.12
N ASN B 95 -9.59 -2.28 3.48
CA ASN B 95 -8.55 -1.57 4.22
C ASN B 95 -9.13 -0.79 5.38
N PHE B 96 -10.14 0.04 5.11
CA PHE B 96 -10.70 0.89 6.15
C PHE B 96 -11.14 0.06 7.34
N ILE B 97 -11.98 -0.95 7.12
CA ILE B 97 -12.54 -1.70 8.22
C ILE B 97 -11.45 -2.50 8.94
N HIS B 98 -10.31 -2.77 8.30
CA HIS B 98 -9.21 -3.39 9.03
C HIS B 98 -8.27 -2.38 9.68
N GLY B 99 -8.47 -1.09 9.44
CA GLY B 99 -7.59 -0.06 9.96
C GLY B 99 -6.39 0.26 9.10
N VAL B 100 -6.28 -0.33 7.91
CA VAL B 100 -5.18 -0.05 6.99
C VAL B 100 -5.35 1.37 6.46
N PRO B 101 -4.42 2.28 6.74
CA PRO B 101 -4.60 3.70 6.39
C PRO B 101 -4.29 4.01 4.92
N HIS B 102 -5.04 3.36 4.02
CA HIS B 102 -4.90 3.58 2.58
C HIS B 102 -6.29 3.49 1.94
N PHE B 103 -6.91 4.64 1.74
CA PHE B 103 -8.26 4.72 1.16
C PHE B 103 -8.49 6.16 0.76
N ALA B 104 -9.64 6.40 0.12
CA ALA B 104 -9.86 7.71 -0.48
C ALA B 104 -11.34 7.90 -0.80
N VAL B 105 -11.71 9.20 -0.93
CA VAL B 105 -12.97 9.64 -1.52
C VAL B 105 -12.76 9.86 -3.01
N SER B 106 -13.73 9.46 -3.84
CA SER B 106 -13.62 9.62 -5.29
C SER B 106 -14.88 10.28 -5.82
N ILE B 107 -14.73 11.46 -6.44
CA ILE B 107 -15.86 12.19 -7.01
C ILE B 107 -15.52 12.58 -8.43
N ALA B 108 -16.38 12.22 -9.39
CA ALA B 108 -16.21 12.70 -10.75
C ALA B 108 -17.50 13.39 -11.21
N CYS B 109 -17.35 14.31 -12.14
CA CYS B 109 -18.48 14.96 -12.79
C CYS B 109 -18.35 14.74 -14.28
N LYS B 110 -19.42 14.21 -14.90
CA LYS B 110 -19.51 14.03 -16.33
C LYS B 110 -20.52 14.99 -16.92
N TYR B 111 -20.17 15.61 -18.04
CA TYR B 111 -21.06 16.48 -18.79
C TYR B 111 -21.38 15.78 -20.10
N LYS B 112 -22.66 15.43 -20.28
CA LYS B 112 -23.11 14.66 -21.44
C LYS B 112 -22.25 13.43 -21.68
N GLY B 113 -21.88 12.75 -20.59
CA GLY B 113 -21.19 11.49 -20.66
C GLY B 113 -19.68 11.55 -20.78
N ARG B 114 -19.09 12.73 -20.90
CA ARG B 114 -17.64 12.86 -20.91
C ARG B 114 -17.15 13.31 -19.55
N LEU B 115 -15.99 12.80 -19.14
CA LEU B 115 -15.43 13.16 -17.84
C LEU B 115 -15.02 14.63 -17.84
N GLU B 116 -15.55 15.38 -16.88
CA GLU B 116 -15.36 16.83 -16.83
C GLU B 116 -14.59 17.30 -15.60
N HIS B 117 -14.89 16.75 -14.41
CA HIS B 117 -14.15 17.11 -13.21
C HIS B 117 -13.85 15.86 -12.39
N ALA B 118 -12.79 15.93 -11.58
CA ALA B 118 -12.38 14.76 -10.81
C ALA B 118 -11.66 15.18 -9.54
N VAL B 119 -11.98 14.48 -8.45
CA VAL B 119 -11.30 14.61 -7.17
C VAL B 119 -11.08 13.20 -6.63
N VAL B 120 -9.83 12.91 -6.25
CA VAL B 120 -9.51 11.73 -5.46
C VAL B 120 -8.77 12.22 -4.23
N LEU B 121 -9.33 11.96 -3.05
CA LEU B 121 -8.79 12.54 -1.82
C LEU B 121 -8.41 11.44 -0.85
N ASP B 122 -7.12 11.37 -0.50
CA ASP B 122 -6.58 10.56 0.57
C ASP B 122 -6.63 11.39 1.85
N PRO B 123 -7.58 11.12 2.75
CA PRO B 123 -7.72 11.95 3.96
C PRO B 123 -6.71 11.64 5.05
N VAL B 124 -5.99 10.53 4.96
CA VAL B 124 -4.96 10.22 5.94
C VAL B 124 -3.69 10.99 5.63
N ARG B 125 -3.15 10.80 4.42
CA ARG B 125 -1.98 11.53 3.98
C ARG B 125 -2.31 12.96 3.53
N GLN B 126 -3.60 13.32 3.51
CA GLN B 126 -4.06 14.65 3.11
C GLN B 126 -3.61 14.98 1.68
N GLU B 127 -3.83 14.05 0.76
CA GLU B 127 -3.43 14.22 -0.63
C GLU B 127 -4.67 14.42 -1.49
N GLU B 128 -4.77 15.59 -2.12
CA GLU B 128 -5.92 15.98 -2.92
C GLU B 128 -5.52 15.97 -4.39
N PHE B 129 -5.95 14.94 -5.12
CA PHE B 129 -5.75 14.86 -6.55
C PHE B 129 -6.95 15.48 -7.24
N THR B 130 -6.73 16.50 -8.07
CA THR B 130 -7.81 17.20 -8.73
C THR B 130 -7.53 17.31 -10.23
N ALA B 131 -8.61 17.37 -11.02
CA ALA B 131 -8.43 17.60 -12.45
C ALA B 131 -9.74 18.10 -13.05
N SER B 132 -9.60 18.92 -14.09
CA SER B 132 -10.73 19.27 -14.95
C SER B 132 -10.32 19.03 -16.40
N ARG B 133 -11.29 18.67 -17.22
CA ARG B 133 -11.03 18.41 -18.63
C ARG B 133 -10.38 19.63 -19.29
N GLY B 134 -9.23 19.41 -19.92
CA GLY B 134 -8.49 20.48 -20.55
C GLY B 134 -7.73 21.40 -19.63
N ARG B 135 -7.71 21.13 -18.32
CA ARG B 135 -7.03 21.99 -17.36
C ARG B 135 -5.82 21.35 -16.71
N GLY B 136 -5.56 20.07 -16.96
CA GLY B 136 -4.49 19.38 -16.29
C GLY B 136 -4.91 18.87 -14.92
N ALA B 137 -3.99 18.14 -14.28
CA ALA B 137 -4.22 17.54 -12.98
C ALA B 137 -3.20 18.06 -11.97
N ALA B 138 -3.59 18.02 -10.70
CA ALA B 138 -2.77 18.56 -9.63
C ALA B 138 -2.87 17.66 -8.40
N LEU B 139 -1.80 17.65 -7.60
CA LEU B 139 -1.79 17.08 -6.27
C LEU B 139 -1.53 18.23 -5.30
N ASN B 140 -2.54 18.59 -4.50
CA ASN B 140 -2.47 19.72 -3.57
C ASN B 140 -1.99 20.99 -4.28
N GLY B 141 -2.45 21.16 -5.52
CA GLY B 141 -2.20 22.38 -6.25
C GLY B 141 -1.02 22.35 -7.21
N ARG B 142 -0.13 21.36 -7.12
CA ARG B 142 1.02 21.30 -8.01
C ARG B 142 0.72 20.40 -9.19
N ARG B 143 1.09 20.87 -10.39
CA ARG B 143 0.74 20.16 -11.61
CA ARG B 143 0.76 20.16 -11.62
C ARG B 143 1.33 18.76 -11.62
N LEU B 144 0.54 17.80 -12.12
CA LEU B 144 0.92 16.40 -12.22
C LEU B 144 1.26 16.03 -13.66
N ARG B 145 2.25 15.15 -13.81
CA ARG B 145 2.60 14.54 -15.09
C ARG B 145 2.79 13.05 -14.89
N VAL B 146 2.34 12.25 -15.87
CA VAL B 146 2.68 10.84 -15.83
C VAL B 146 4.20 10.69 -15.96
N SER B 147 4.72 9.54 -15.51
CA SER B 147 6.16 9.32 -15.56
C SER B 147 6.62 9.24 -17.02
N GLY B 148 7.94 9.31 -17.20
CA GLY B 148 8.54 9.27 -18.51
C GLY B 148 9.13 7.94 -18.92
N ARG B 149 9.06 6.93 -18.05
CA ARG B 149 9.65 5.62 -18.34
C ARG B 149 9.23 5.11 -19.70
N LYS B 150 10.21 4.62 -20.47
CA LYS B 150 10.01 4.27 -21.87
C LYS B 150 9.56 2.84 -22.11
N SER B 151 9.61 1.98 -21.09
CA SER B 151 9.22 0.58 -21.24
C SER B 151 8.94 0.01 -19.87
N LEU B 152 8.56 -1.27 -19.82
CA LEU B 152 8.30 -1.91 -18.53
C LEU B 152 9.58 -2.25 -17.79
N GLU B 153 10.75 -2.05 -18.39
CA GLU B 153 12.02 -2.29 -17.70
C GLU B 153 12.11 -1.39 -16.47
N GLY B 154 12.17 -1.99 -15.29
CA GLY B 154 12.21 -1.24 -14.06
C GLY B 154 10.93 -0.55 -13.67
N ALA B 155 9.82 -0.85 -14.35
CA ALA B 155 8.55 -0.18 -14.06
C ALA B 155 7.98 -0.64 -12.72
N LEU B 156 7.25 0.27 -12.08
CA LEU B 156 6.47 -0.05 -10.89
C LEU B 156 5.00 -0.02 -11.30
N LEU B 157 4.35 -1.17 -11.26
CA LEU B 157 2.97 -1.28 -11.69
C LEU B 157 2.03 -1.34 -10.49
N GLY B 158 0.84 -0.77 -10.66
CA GLY B 158 -0.24 -0.98 -9.73
C GLY B 158 -1.19 -2.02 -10.29
N THR B 159 -1.92 -2.67 -9.40
CA THR B 159 -2.91 -3.64 -9.86
C THR B 159 -3.92 -3.88 -8.75
N GLY B 160 -5.02 -4.54 -9.13
CA GLY B 160 -6.00 -5.03 -8.18
C GLY B 160 -6.24 -6.50 -8.38
N PHE B 161 -6.16 -7.29 -7.31
CA PHE B 161 -6.35 -8.73 -7.41
C PHE B 161 -7.82 -9.05 -7.66
N PRO B 162 -8.10 -10.10 -8.44
CA PRO B 162 -9.50 -10.55 -8.67
C PRO B 162 -9.99 -11.43 -7.51
N PHE B 163 -10.42 -10.76 -6.44
CA PHE B 163 -10.73 -11.40 -5.16
C PHE B 163 -12.16 -11.90 -5.05
N ARG B 164 -13.07 -11.48 -5.92
CA ARG B 164 -14.47 -11.86 -5.80
C ARG B 164 -14.71 -13.29 -6.25
N ASP B 165 -15.76 -13.90 -5.70
CA ASP B 165 -16.18 -15.22 -6.17
C ASP B 165 -16.44 -15.22 -7.67
N ASN B 166 -17.16 -14.21 -8.17
CA ASN B 166 -17.50 -14.15 -9.58
C ASN B 166 -16.30 -13.90 -10.48
N GLN B 167 -15.11 -13.70 -9.93
CA GLN B 167 -13.90 -13.58 -10.72
C GLN B 167 -13.06 -14.85 -10.72
N ILE B 168 -13.59 -15.93 -10.13
CA ILE B 168 -12.78 -17.13 -9.90
C ILE B 168 -12.27 -17.70 -11.23
N ASP B 169 -13.14 -17.78 -12.24
CA ASP B 169 -12.74 -18.34 -13.53
C ASP B 169 -11.75 -17.45 -14.27
N ASN B 170 -11.51 -16.24 -13.80
CA ASN B 170 -10.50 -15.37 -14.37
C ASN B 170 -9.20 -15.40 -13.59
N LEU B 171 -9.22 -15.99 -12.39
CA LEU B 171 -8.08 -15.94 -11.49
C LEU B 171 -6.80 -16.43 -12.19
N ASP B 172 -6.86 -17.63 -12.76
CA ASP B 172 -5.70 -18.16 -13.49
C ASP B 172 -5.23 -17.19 -14.56
N ASN B 173 -6.16 -16.69 -15.39
CA ASN B 173 -5.77 -15.71 -16.40
C ASN B 173 -4.99 -14.56 -15.77
N TYR B 174 -5.53 -14.03 -14.66
CA TYR B 174 -4.86 -12.93 -13.99
C TYR B 174 -3.46 -13.35 -13.56
N LEU B 175 -3.34 -14.51 -12.92
CA LEU B 175 -2.03 -14.93 -12.44
C LEU B 175 -1.09 -15.18 -13.60
N ASN B 176 -1.63 -15.52 -14.77
CA ASN B 176 -0.79 -15.61 -15.95
C ASN B 176 -0.30 -14.22 -16.35
N MET B 177 -1.21 -13.26 -16.45
CA MET B 177 -0.83 -11.87 -16.70
C MET B 177 0.29 -11.46 -15.76
N PHE B 178 -0.03 -11.48 -14.46
CA PHE B 178 0.94 -11.16 -13.41
C PHE B 178 2.28 -11.82 -13.67
N ARG B 179 2.28 -13.13 -13.97
CA ARG B 179 3.56 -13.83 -14.09
C ARG B 179 4.40 -13.20 -15.19
N SER B 180 3.79 -12.94 -16.34
CA SER B 180 4.57 -12.44 -17.47
C SER B 180 5.17 -11.08 -17.17
N LEU B 181 4.70 -10.40 -16.13
CA LEU B 181 5.20 -9.06 -15.82
C LEU B 181 6.31 -9.06 -14.78
N VAL B 182 6.57 -10.20 -14.12
CA VAL B 182 7.49 -10.16 -12.98
C VAL B 182 8.94 -9.92 -13.42
N GLY B 183 9.32 -10.44 -14.58
CA GLY B 183 10.72 -10.34 -15.00
C GLY B 183 11.17 -8.91 -15.27
N GLN B 184 10.38 -8.18 -16.06
CA GLN B 184 10.79 -6.84 -16.49
C GLN B 184 10.63 -5.80 -15.38
N THR B 185 9.52 -5.83 -14.66
CA THR B 185 9.20 -4.74 -13.77
C THR B 185 10.09 -4.76 -12.53
N ALA B 186 10.25 -3.59 -11.92
CA ALA B 186 10.90 -3.52 -10.61
C ALA B 186 9.96 -3.91 -9.48
N GLY B 187 8.66 -3.83 -9.70
CA GLY B 187 7.73 -4.24 -8.68
C GLY B 187 6.30 -4.11 -9.16
N ILE B 188 5.43 -4.86 -8.50
CA ILE B 188 3.98 -4.77 -8.65
C ILE B 188 3.41 -4.51 -7.26
N ARG B 189 2.43 -3.61 -7.18
CA ARG B 189 1.84 -3.20 -5.91
C ARG B 189 0.33 -3.37 -5.95
N ARG B 190 -0.21 -3.92 -4.88
CA ARG B 190 -1.65 -4.04 -4.68
C ARG B 190 -1.96 -3.44 -3.30
N ALA B 191 -2.24 -2.13 -3.28
CA ALA B 191 -2.43 -1.41 -2.02
C ALA B 191 -3.88 -1.34 -1.57
N GLY B 192 -4.85 -1.53 -2.46
CA GLY B 192 -6.23 -1.72 -2.06
C GLY B 192 -7.20 -0.56 -2.26
N ALA B 193 -6.91 0.39 -3.15
CA ALA B 193 -7.89 1.42 -3.49
C ALA B 193 -7.64 1.85 -4.93
N ALA B 194 -8.55 1.49 -5.83
CA ALA B 194 -8.30 1.68 -7.25
C ALA B 194 -8.23 3.15 -7.63
N SER B 195 -9.02 3.99 -6.95
CA SER B 195 -8.94 5.42 -7.23
C SER B 195 -7.55 5.95 -6.93
N LEU B 196 -6.93 5.49 -5.83
CA LEU B 196 -5.56 5.92 -5.54
C LEU B 196 -4.55 5.29 -6.49
N ASP B 197 -4.81 4.07 -6.99
CA ASP B 197 -3.92 3.49 -7.99
C ASP B 197 -3.91 4.33 -9.26
N LEU B 198 -5.10 4.75 -9.71
CA LEU B 198 -5.18 5.62 -10.88
C LEU B 198 -4.53 6.97 -10.62
N ALA B 199 -4.80 7.56 -9.45
CA ALA B 199 -4.17 8.83 -9.10
C ALA B 199 -2.66 8.70 -9.08
N TYR B 200 -2.14 7.55 -8.65
CA TYR B 200 -0.70 7.37 -8.60
C TYR B 200 -0.12 7.22 -9.99
N VAL B 201 -0.84 6.57 -10.91
CA VAL B 201 -0.45 6.62 -12.32
C VAL B 201 -0.35 8.08 -12.78
N ALA B 202 -1.37 8.88 -12.45
CA ALA B 202 -1.41 10.27 -12.91
C ALA B 202 -0.26 11.09 -12.35
N ALA B 203 0.14 10.84 -11.10
CA ALA B 203 1.22 11.63 -10.51
C ALA B 203 2.61 11.11 -10.87
N GLY B 204 2.70 10.01 -11.61
CA GLY B 204 3.98 9.43 -11.95
C GLY B 204 4.51 8.44 -10.94
N ARG B 205 3.70 8.06 -9.94
CA ARG B 205 4.16 7.15 -8.89
C ARG B 205 4.08 5.69 -9.34
N TYR B 206 3.07 5.34 -10.13
CA TYR B 206 3.04 4.09 -10.87
C TYR B 206 3.22 4.39 -12.35
N ASP B 207 3.88 3.47 -13.05
CA ASP B 207 4.05 3.64 -14.48
C ASP B 207 2.86 3.11 -15.26
N ALA B 208 2.09 2.19 -14.65
CA ALA B 208 0.90 1.64 -15.29
C ALA B 208 0.14 0.84 -14.24
N PHE B 209 -1.09 0.49 -14.58
CA PHE B 209 -2.06 -0.13 -13.69
C PHE B 209 -3.06 -0.88 -14.55
N TRP B 210 -3.48 -2.06 -14.08
CA TRP B 210 -4.58 -2.77 -14.73
C TRP B 210 -5.39 -3.49 -13.67
N GLU B 211 -6.69 -3.66 -13.97
CA GLU B 211 -7.60 -4.36 -13.08
C GLU B 211 -8.90 -4.63 -13.82
N PHE B 212 -9.58 -5.71 -13.46
CA PHE B 212 -10.94 -5.93 -13.95
C PHE B 212 -11.87 -6.17 -12.78
N GLY B 213 -13.17 -6.10 -13.05
CA GLY B 213 -14.18 -6.20 -12.03
C GLY B 213 -14.56 -4.91 -11.35
N LEU B 214 -14.07 -3.76 -11.85
CA LEU B 214 -14.34 -2.48 -11.19
C LEU B 214 -15.69 -1.92 -11.60
N SER B 215 -16.17 -0.98 -10.80
CA SER B 215 -17.37 -0.20 -11.08
C SER B 215 -16.99 1.22 -11.49
N GLU B 216 -17.98 1.93 -12.04
CA GLU B 216 -17.73 3.26 -12.57
C GLU B 216 -17.18 4.20 -11.50
N TRP B 217 -17.75 4.18 -10.29
CA TRP B 217 -17.30 5.10 -9.27
C TRP B 217 -15.87 4.83 -8.82
N ASP B 218 -15.37 3.60 -9.03
CA ASP B 218 -13.96 3.31 -8.76
C ASP B 218 -13.04 4.05 -9.73
N MET B 219 -13.45 4.17 -10.99
CA MET B 219 -12.54 4.57 -12.06
C MET B 219 -12.71 5.99 -12.56
N ALA B 220 -13.90 6.59 -12.42
CA ALA B 220 -14.21 7.81 -13.19
C ALA B 220 -13.22 8.94 -12.88
N ALA B 221 -13.10 9.29 -11.60
CA ALA B 221 -12.21 10.39 -11.22
C ALA B 221 -10.76 10.09 -11.59
N GLY B 222 -10.28 8.89 -11.22
CA GLY B 222 -8.89 8.56 -11.47
C GLY B 222 -8.53 8.50 -12.94
N ALA B 223 -9.48 8.05 -13.78
CA ALA B 223 -9.27 8.06 -15.22
C ALA B 223 -9.10 9.47 -15.75
N LEU B 224 -9.95 10.40 -15.28
CA LEU B 224 -9.73 11.79 -15.70
C LEU B 224 -8.37 12.29 -15.22
N LEU B 225 -7.98 11.94 -14.00
CA LEU B 225 -6.66 12.32 -13.51
C LEU B 225 -5.56 11.86 -14.46
N VAL B 226 -5.60 10.58 -14.86
CA VAL B 226 -4.56 10.04 -15.74
C VAL B 226 -4.55 10.77 -17.07
N GLN B 227 -5.73 10.92 -17.69
CA GLN B 227 -5.82 11.60 -18.97
C GLN B 227 -5.25 13.01 -18.89
N GLU B 228 -5.66 13.77 -17.87
CA GLU B 228 -5.22 15.15 -17.74
C GLU B 228 -3.75 15.26 -17.36
N ALA B 229 -3.17 14.22 -16.77
CA ALA B 229 -1.73 14.21 -16.50
C ALA B 229 -0.90 13.79 -17.71
N GLY B 230 -1.54 13.54 -18.85
CA GLY B 230 -0.84 13.14 -20.05
C GLY B 230 -0.75 11.66 -20.30
N GLY B 231 -1.50 10.84 -19.55
CA GLY B 231 -1.45 9.41 -19.69
C GLY B 231 -2.53 8.86 -20.61
N LEU B 232 -2.65 7.55 -20.62
CA LEU B 232 -3.62 6.86 -21.46
C LEU B 232 -4.43 5.89 -20.61
N VAL B 233 -5.70 5.74 -20.99
CA VAL B 233 -6.68 4.92 -20.28
C VAL B 233 -7.55 4.20 -21.31
N SER B 234 -7.79 2.91 -21.10
CA SER B 234 -8.62 2.12 -22.00
C SER B 234 -9.15 0.91 -21.24
N ASP B 235 -10.01 0.14 -21.90
CA ASP B 235 -10.38 -1.17 -21.39
C ASP B 235 -9.37 -2.19 -21.90
N PHE B 236 -9.62 -3.48 -21.63
CA PHE B 236 -8.68 -4.53 -22.03
C PHE B 236 -8.58 -4.70 -23.54
N THR B 237 -9.55 -4.22 -24.30
CA THR B 237 -9.48 -4.31 -25.76
C THR B 237 -8.89 -3.07 -26.41
N GLY B 238 -8.60 -2.03 -25.62
CA GLY B 238 -8.04 -0.81 -26.16
C GLY B 238 -9.05 0.25 -26.52
N SER B 239 -10.34 -0.01 -26.36
CA SER B 239 -11.36 1.00 -26.59
C SER B 239 -11.61 1.77 -25.30
N HIS B 240 -12.49 2.77 -25.38
CA HIS B 240 -12.68 3.71 -24.29
C HIS B 240 -13.98 3.46 -23.51
N GLU B 241 -14.38 2.20 -23.37
CA GLU B 241 -15.56 1.82 -22.60
C GLU B 241 -15.19 1.18 -21.26
N PHE B 242 -14.11 1.66 -20.64
CA PHE B 242 -13.69 1.08 -19.37
C PHE B 242 -14.71 1.32 -18.27
N LEU B 243 -15.31 2.52 -18.24
CA LEU B 243 -16.28 2.84 -17.20
C LEU B 243 -17.43 1.84 -17.19
N GLU B 244 -17.88 1.44 -18.38
CA GLU B 244 -19.04 0.57 -18.50
C GLU B 244 -18.68 -0.91 -18.37
N LYS B 245 -17.50 -1.31 -18.84
CA LYS B 245 -17.15 -2.73 -18.86
C LYS B 245 -16.45 -3.20 -17.59
N GLY B 246 -15.82 -2.29 -16.86
CA GLY B 246 -15.24 -2.63 -15.57
C GLY B 246 -13.82 -3.12 -15.60
N HIS B 247 -13.21 -3.29 -16.78
CA HIS B 247 -11.81 -3.63 -16.88
C HIS B 247 -11.04 -2.45 -17.49
N ILE B 248 -9.85 -2.21 -16.95
CA ILE B 248 -9.16 -0.95 -17.21
C ILE B 248 -7.65 -1.20 -17.23
N VAL B 249 -7.02 -0.54 -18.20
CA VAL B 249 -5.58 -0.33 -18.27
C VAL B 249 -5.36 1.17 -18.27
N ALA B 250 -4.44 1.63 -17.43
CA ALA B 250 -4.04 3.03 -17.40
C ALA B 250 -2.52 3.10 -17.26
N GLY B 251 -1.92 4.11 -17.86
CA GLY B 251 -0.49 4.23 -17.68
C GLY B 251 0.05 5.49 -18.33
N ASN B 252 1.36 5.66 -18.20
CA ASN B 252 2.05 6.57 -19.09
C ASN B 252 1.99 5.98 -20.50
N THR B 253 2.47 6.75 -21.49
CA THR B 253 2.26 6.36 -22.88
C THR B 253 2.81 4.97 -23.16
N LYS B 254 4.13 4.79 -22.97
CA LYS B 254 4.77 3.56 -23.40
C LYS B 254 4.39 2.38 -22.52
N CYS B 255 4.26 2.61 -21.20
CA CYS B 255 3.92 1.51 -20.31
C CYS B 255 2.44 1.13 -20.42
N PHE B 256 1.56 2.08 -20.69
CA PHE B 256 0.19 1.71 -21.06
C PHE B 256 0.19 0.80 -22.27
N LYS B 257 0.92 1.19 -23.33
CA LYS B 257 0.91 0.38 -24.55
C LYS B 257 1.47 -1.01 -24.30
N ALA B 258 2.62 -1.09 -23.62
CA ALA B 258 3.24 -2.39 -23.35
C ALA B 258 2.36 -3.25 -22.45
N LEU B 259 1.70 -2.66 -21.45
CA LEU B 259 0.84 -3.44 -20.56
C LEU B 259 -0.38 -3.98 -21.29
N LEU B 260 -0.99 -3.16 -22.15
CA LEU B 260 -2.12 -3.63 -22.95
C LEU B 260 -1.71 -4.81 -23.84
N THR B 261 -0.59 -4.65 -24.56
CA THR B 261 -0.08 -5.75 -25.36
C THR B 261 0.15 -7.00 -24.51
N THR B 262 0.76 -6.83 -23.34
CA THR B 262 1.07 -7.96 -22.48
C THR B 262 -0.18 -8.71 -22.07
N ILE B 263 -1.27 -7.98 -21.78
CA ILE B 263 -2.48 -8.67 -21.31
C ILE B 263 -3.28 -9.31 -22.45
N GLN B 264 -3.11 -8.85 -23.71
CA GLN B 264 -3.88 -9.45 -24.80
C GLN B 264 -3.87 -10.98 -24.86
N PRO B 265 -2.73 -11.68 -24.76
CA PRO B 265 -2.76 -13.15 -24.89
C PRO B 265 -3.53 -13.87 -23.77
N HIS B 266 -3.87 -13.19 -22.67
CA HIS B 266 -4.56 -13.83 -21.55
C HIS B 266 -6.03 -13.42 -21.46
N LEU B 267 -6.58 -12.87 -22.55
CA LEU B 267 -7.98 -12.45 -22.59
C LEU B 267 -8.85 -13.58 -23.12
N PRO B 268 -9.99 -13.86 -22.48
CA PRO B 268 -10.95 -14.81 -23.06
C PRO B 268 -11.44 -14.33 -24.41
N PRO B 269 -11.11 -15.04 -25.49
CA PRO B 269 -11.48 -14.57 -26.85
C PRO B 269 -12.97 -14.60 -27.10
N SER B 270 -13.65 -13.49 -26.80
CA SER B 270 -15.10 -13.40 -26.92
C SER B 270 -15.57 -11.98 -26.68
N LEU B 271 -16.19 -11.76 -25.52
CA LEU B 271 -16.52 -10.40 -25.08
C LEU B 271 -15.27 -9.51 -25.06
N LYS B 272 -14.17 -10.04 -24.53
CA LYS B 272 -12.90 -9.33 -24.48
C LYS B 272 -12.08 -9.72 -25.71
N ARG B 273 -11.95 -8.79 -26.65
CA ARG B 273 -11.25 -9.04 -27.91
C ARG B 273 -9.76 -8.75 -27.80
#